data_2ETC
#
_entry.id   2ETC
#
_cell.length_a   39.514
_cell.length_b   95.862
_cell.length_c   164.504
_cell.angle_alpha   90.00
_cell.angle_beta   90.00
_cell.angle_gamma   90.00
#
_symmetry.space_group_name_H-M   'P 21 21 21'
#
_entity_poly.entity_id   1
_entity_poly.type   'polypeptide(L)'
_entity_poly.pdbx_seq_one_letter_code
;KNTSAPSQQEPDRFDRDRLFSVVSRGVPEELTGLLEYLRWNSKYLTDSAYTEGSTGKTCLMKAVLNLQDGVNACIMPLLQ
IDKDSGNPKPLVNAQCTDEFYQGHSALHIAIEKRSLQCVKLLVENGADVHLRACGRFFQKHQGTCFYFGELPLSLAACTK
QWDVVTYLLENPHQPASLEATDSLGNTVLHALVMIADNSPENSALVIHMYDGLLQMGARLCPTVQLEEISNHQGLTPLKL
AAKEGKIEIFRHILQREFSGPYQPLAAAHHHHHH
;
_entity_poly.pdbx_strand_id   A,B
#
# COMPACT_ATOMS: atom_id res chain seq x y z
N GLN A 8 -29.62 23.15 23.51
CA GLN A 8 -28.32 23.87 23.47
C GLN A 8 -27.26 23.18 24.34
N GLN A 9 -26.29 23.94 24.84
CA GLN A 9 -25.19 23.45 25.70
C GLN A 9 -24.61 22.09 25.26
N GLU A 10 -23.89 22.11 24.14
CA GLU A 10 -23.46 20.90 23.43
C GLU A 10 -22.22 21.12 22.55
N PRO A 11 -22.03 20.31 21.48
CA PRO A 11 -22.59 19.00 21.16
C PRO A 11 -21.37 18.11 21.41
N ASP A 12 -21.51 16.81 21.16
CA ASP A 12 -20.44 15.85 21.41
C ASP A 12 -19.24 16.05 20.50
N ARG A 13 -18.06 15.83 21.06
CA ARG A 13 -16.79 15.91 20.34
C ARG A 13 -16.77 14.94 19.17
N PHE A 14 -16.33 15.42 18.01
CA PHE A 14 -16.15 14.57 16.84
C PHE A 14 -14.75 14.84 16.29
N ASP A 15 -13.79 14.09 16.81
CA ASP A 15 -12.38 14.25 16.42
C ASP A 15 -12.05 13.54 15.11
N ARG A 16 -10.85 13.78 14.60
CA ARG A 16 -10.40 13.20 13.33
C ARG A 16 -10.34 11.67 13.37
N ASP A 17 -9.72 11.12 14.41
CA ASP A 17 -9.55 9.67 14.57
C ASP A 17 -10.85 8.92 14.29
N ARG A 18 -11.93 9.39 14.93
CA ARG A 18 -13.24 8.79 14.84
C ARG A 18 -13.85 8.92 13.45
N LEU A 19 -13.68 10.09 12.83
CA LEU A 19 -14.21 10.35 11.49
C LEU A 19 -13.57 9.44 10.44
N PHE A 20 -12.25 9.27 10.55
CA PHE A 20 -11.50 8.42 9.63
C PHE A 20 -11.85 6.94 9.78
N SER A 21 -12.20 6.53 11.00
CA SER A 21 -12.65 5.16 11.29
C SER A 21 -13.95 4.86 10.57
N VAL A 22 -14.87 5.81 10.62
CA VAL A 22 -16.21 5.65 10.05
C VAL A 22 -16.19 5.66 8.52
N VAL A 23 -15.47 6.60 7.93
CA VAL A 23 -15.40 6.72 6.45
C VAL A 23 -14.72 5.52 5.80
N SER A 24 -13.73 4.94 6.49
CA SER A 24 -13.04 3.76 6.01
C SER A 24 -13.95 2.52 5.98
N ARG A 25 -14.79 2.39 7.01
CA ARG A 25 -15.75 1.28 7.09
C ARG A 25 -16.92 1.39 6.12
N GLY A 26 -17.36 2.62 5.85
CA GLY A 26 -18.36 2.87 4.82
C GLY A 26 -19.75 3.33 5.25
N VAL A 27 -20.12 3.02 6.49
CA VAL A 27 -21.48 3.33 7.01
C VAL A 27 -21.68 4.82 7.31
N PRO A 28 -22.55 5.49 6.52
CA PRO A 28 -22.80 6.92 6.71
C PRO A 28 -23.65 7.25 7.95
N GLU A 29 -24.49 6.33 8.38
CA GLU A 29 -25.39 6.58 9.52
C GLU A 29 -24.64 6.97 10.80
N GLU A 30 -23.34 6.69 10.83
CA GLU A 30 -22.50 7.04 11.98
C GLU A 30 -21.80 8.39 11.83
N LEU A 31 -22.26 9.19 10.86
CA LEU A 31 -21.75 10.54 10.67
C LEU A 31 -22.67 11.59 11.29
N THR A 32 -23.77 11.15 11.90
CA THR A 32 -24.68 12.08 12.57
C THR A 32 -23.98 12.71 13.77
N GLY A 33 -24.16 14.03 13.91
CA GLY A 33 -23.50 14.78 14.96
C GLY A 33 -22.31 15.56 14.46
N LEU A 34 -21.76 15.15 13.31
CA LEU A 34 -20.59 15.80 12.74
C LEU A 34 -20.89 17.23 12.26
N LEU A 35 -21.98 17.40 11.51
CA LEU A 35 -22.38 18.72 11.03
C LEU A 35 -22.63 19.67 12.20
N GLU A 36 -23.32 19.18 13.22
CA GLU A 36 -23.66 19.96 14.40
C GLU A 36 -22.41 20.45 15.13
N TYR A 37 -21.42 19.57 15.26
CA TYR A 37 -20.15 19.92 15.91
C TYR A 37 -19.37 20.94 15.08
N LEU A 38 -19.18 20.63 13.80
CA LEU A 38 -18.45 21.51 12.88
C LEU A 38 -18.99 22.92 12.91
N ARG A 39 -20.32 23.06 12.85
CA ARG A 39 -20.98 24.36 12.80
C ARG A 39 -20.93 25.11 14.13
N TRP A 40 -21.02 24.38 15.24
CA TRP A 40 -20.95 24.96 16.58
C TRP A 40 -19.61 25.62 16.81
N ASN A 41 -18.54 24.96 16.38
CA ASN A 41 -17.19 25.45 16.58
C ASN A 41 -16.62 26.17 15.37
N SER A 42 -17.47 26.44 14.38
CA SER A 42 -17.08 27.09 13.12
C SER A 42 -15.87 26.40 12.51
N LYS A 43 -15.98 25.09 12.29
CA LYS A 43 -14.90 24.30 11.74
C LYS A 43 -15.29 23.69 10.39
N TYR A 44 -14.30 23.43 9.54
CA TYR A 44 -14.52 22.78 8.25
C TYR A 44 -13.73 21.49 8.18
N LEU A 45 -14.13 20.60 7.27
CA LEU A 45 -13.47 19.30 7.11
C LEU A 45 -12.12 19.43 6.40
N THR A 46 -11.75 20.65 6.03
CA THR A 46 -10.49 20.92 5.36
C THR A 46 -9.42 21.48 6.31
N ASP A 47 -9.83 21.81 7.55
CA ASP A 47 -8.90 22.31 8.57
C ASP A 47 -7.83 21.29 8.91
N SER A 48 -6.71 21.77 9.43
CA SER A 48 -5.61 20.91 9.88
C SER A 48 -6.07 19.86 10.90
N ALA A 49 -7.08 20.21 11.70
CA ALA A 49 -7.62 19.32 12.73
C ALA A 49 -8.28 18.07 12.15
N TYR A 50 -8.73 18.14 10.89
CA TYR A 50 -9.45 17.06 10.23
C TYR A 50 -8.66 16.39 9.09
N THR A 51 -7.45 16.88 8.84
CA THR A 51 -6.56 16.27 7.84
C THR A 51 -5.30 15.70 8.50
N GLU A 52 -4.71 14.67 7.88
CA GLU A 52 -3.49 14.04 8.40
C GLU A 52 -2.29 14.96 8.21
N GLY A 53 -2.18 15.96 9.09
CA GLY A 53 -1.25 17.07 8.91
C GLY A 53 -1.83 18.04 7.90
N SER A 54 -1.56 19.33 8.09
CA SER A 54 -2.01 20.35 7.13
C SER A 54 -1.37 19.87 5.84
N THR A 55 -2.09 19.99 4.73
CA THR A 55 -1.63 19.43 3.48
C THR A 55 -1.66 17.93 3.23
N GLY A 56 -2.32 17.20 4.13
CA GLY A 56 -2.28 15.74 4.15
C GLY A 56 -3.68 15.26 3.79
N LYS A 57 -3.91 13.95 3.93
CA LYS A 57 -5.18 13.32 3.52
C LYS A 57 -6.39 13.96 4.18
N THR A 58 -7.40 14.30 3.37
CA THR A 58 -8.72 14.67 3.89
C THR A 58 -9.58 13.42 4.06
N CYS A 59 -10.64 13.54 4.84
CA CYS A 59 -11.55 12.43 5.12
C CYS A 59 -12.20 11.88 3.84
N LEU A 60 -12.38 12.76 2.85
CA LEU A 60 -12.93 12.37 1.55
C LEU A 60 -11.96 11.48 0.76
N MET A 61 -10.68 11.79 0.82
CA MET A 61 -9.66 10.95 0.20
C MET A 61 -9.61 9.57 0.83
N LYS A 62 -9.80 9.54 2.16
CA LYS A 62 -9.87 8.29 2.91
C LYS A 62 -11.09 7.48 2.48
N ALA A 63 -12.20 8.17 2.20
CA ALA A 63 -13.42 7.54 1.73
C ALA A 63 -13.22 6.90 0.36
N VAL A 64 -12.60 7.65 -0.54
CA VAL A 64 -12.31 7.18 -1.90
C VAL A 64 -11.28 6.04 -1.88
N LEU A 65 -10.31 6.11 -0.97
CA LEU A 65 -9.30 5.07 -0.82
C LEU A 65 -9.86 3.74 -0.29
N ASN A 66 -11.07 3.77 0.25
CA ASN A 66 -11.75 2.57 0.70
C ASN A 66 -13.05 2.36 -0.06
N LEU A 67 -12.95 1.68 -1.20
CA LEU A 67 -14.13 1.41 -2.02
C LEU A 67 -14.66 -0.01 -1.83
N GLN A 68 -15.98 -0.13 -1.92
CA GLN A 68 -16.65 -1.42 -1.95
C GLN A 68 -17.65 -1.42 -3.08
N ASP A 69 -17.45 -2.31 -4.05
CA ASP A 69 -18.24 -2.38 -5.29
C ASP A 69 -17.97 -1.17 -6.20
N GLY A 70 -16.93 -0.41 -5.88
CA GLY A 70 -16.61 0.80 -6.63
C GLY A 70 -17.12 2.08 -6.00
N VAL A 71 -17.98 1.95 -4.99
CA VAL A 71 -18.52 3.11 -4.29
C VAL A 71 -18.18 3.15 -2.80
N ASN A 72 -18.30 4.34 -2.22
CA ASN A 72 -18.35 4.50 -0.77
C ASN A 72 -19.60 5.31 -0.44
N ALA A 73 -20.47 4.71 0.38
CA ALA A 73 -21.74 5.33 0.74
C ALA A 73 -21.59 6.60 1.59
N CYS A 74 -20.36 6.89 1.99
CA CYS A 74 -20.04 8.08 2.79
C CYS A 74 -19.79 9.32 1.94
N ILE A 75 -19.35 9.12 0.69
CA ILE A 75 -18.93 10.23 -0.16
C ILE A 75 -20.01 11.32 -0.25
N MET A 76 -21.24 10.93 -0.60
CA MET A 76 -22.34 11.90 -0.69
C MET A 76 -22.63 12.61 0.63
N PRO A 77 -22.92 11.86 1.71
CA PRO A 77 -23.05 12.48 3.02
C PRO A 77 -21.92 13.46 3.38
N LEU A 78 -20.67 13.07 3.12
CA LEU A 78 -19.51 13.92 3.37
C LEU A 78 -19.53 15.22 2.58
N LEU A 79 -19.79 15.13 1.28
CA LEU A 79 -19.82 16.30 0.41
C LEU A 79 -21.00 17.20 0.72
N GLN A 80 -22.06 16.61 1.28
CA GLN A 80 -23.22 17.35 1.72
C GLN A 80 -22.91 18.13 3.00
N ILE A 81 -22.30 17.44 3.97
CA ILE A 81 -21.87 18.03 5.24
C ILE A 81 -20.96 19.25 5.02
N ASP A 82 -20.00 19.10 4.10
CA ASP A 82 -19.08 20.18 3.74
C ASP A 82 -19.82 21.40 3.16
N LYS A 83 -20.79 21.14 2.29
CA LYS A 83 -21.62 22.20 1.70
C LYS A 83 -22.39 22.92 2.79
N ASP A 84 -23.02 22.13 3.67
CA ASP A 84 -23.86 22.62 4.74
C ASP A 84 -23.09 23.33 5.85
N SER A 85 -21.79 23.07 5.93
CA SER A 85 -20.96 23.71 6.95
C SER A 85 -20.48 25.11 6.53
N GLY A 86 -20.69 25.46 5.28
CA GLY A 86 -20.35 26.79 4.78
C GLY A 86 -18.87 26.96 4.44
N ASN A 87 -18.26 25.89 3.95
CA ASN A 87 -16.86 25.89 3.57
C ASN A 87 -16.59 26.70 2.30
N PRO A 88 -15.79 27.79 2.41
CA PRO A 88 -15.44 28.56 1.21
C PRO A 88 -14.56 27.77 0.24
N LYS A 89 -13.74 26.86 0.77
CA LYS A 89 -12.85 26.02 -0.05
C LYS A 89 -13.32 24.56 0.01
N PRO A 90 -14.17 24.16 -0.95
CA PRO A 90 -14.86 22.87 -0.91
C PRO A 90 -13.94 21.68 -0.75
N LEU A 91 -14.35 20.75 0.12
CA LEU A 91 -13.60 19.54 0.41
C LEU A 91 -13.29 18.76 -0.86
N VAL A 92 -14.18 18.85 -1.83
CA VAL A 92 -14.05 18.11 -3.08
C VAL A 92 -12.73 18.44 -3.79
N ASN A 93 -12.31 19.71 -3.74
CA ASN A 93 -11.14 20.16 -4.48
C ASN A 93 -9.84 20.20 -3.69
N ALA A 94 -9.89 19.76 -2.43
CA ALA A 94 -8.68 19.65 -1.61
C ALA A 94 -7.69 18.71 -2.29
N GLN A 95 -6.40 19.00 -2.10
CA GLN A 95 -5.34 18.18 -2.69
C GLN A 95 -4.34 17.71 -1.65
N CYS A 96 -4.09 16.40 -1.66
CA CYS A 96 -3.15 15.80 -0.74
C CYS A 96 -1.71 15.92 -1.25
N THR A 97 -0.83 16.31 -0.34
CA THR A 97 0.61 16.34 -0.60
C THR A 97 1.62 15.92 0.47
N ASP A 98 1.65 14.62 0.74
CA ASP A 98 2.61 14.02 1.63
C ASP A 98 3.64 13.09 1.00
N GLU A 99 4.41 12.38 1.83
CA GLU A 99 5.42 11.46 1.32
C GLU A 99 5.04 10.54 0.15
N PHE A 100 3.74 10.23 0.03
CA PHE A 100 3.25 9.33 -1.02
C PHE A 100 2.53 10.07 -2.12
N TYR A 101 1.72 11.07 -1.76
CA TYR A 101 0.93 11.83 -2.73
C TYR A 101 1.52 13.20 -3.03
N GLN A 102 1.30 13.68 -4.25
CA GLN A 102 1.74 15.00 -4.65
C GLN A 102 0.64 15.68 -5.44
N GLY A 103 -0.08 16.59 -4.79
CA GLY A 103 -1.17 17.33 -5.43
C GLY A 103 -2.35 16.50 -5.89
N HIS A 104 -2.58 15.37 -5.22
CA HIS A 104 -3.66 14.46 -5.58
C HIS A 104 -5.00 14.92 -5.01
N SER A 105 -5.98 15.10 -5.89
CA SER A 105 -7.36 15.30 -5.46
C SER A 105 -8.05 13.95 -5.34
N ALA A 106 -9.20 13.92 -4.66
CA ALA A 106 -10.01 12.70 -4.60
C ALA A 106 -10.33 12.20 -6.02
N LEU A 107 -10.51 13.13 -6.95
CA LEU A 107 -10.76 12.81 -8.36
C LEU A 107 -9.65 11.94 -8.95
N HIS A 108 -8.40 12.37 -8.76
CA HIS A 108 -7.25 11.62 -9.24
C HIS A 108 -7.27 10.21 -8.69
N ILE A 109 -7.48 10.09 -7.38
CA ILE A 109 -7.56 8.81 -6.68
C ILE A 109 -8.72 7.97 -7.23
N ALA A 110 -9.86 8.61 -7.44
CA ALA A 110 -11.02 7.94 -8.02
C ALA A 110 -10.72 7.34 -9.40
N ILE A 111 -9.98 8.09 -10.22
CA ILE A 111 -9.56 7.62 -11.53
C ILE A 111 -8.48 6.54 -11.40
N GLU A 112 -7.54 6.76 -10.48
CA GLU A 112 -6.46 5.81 -10.22
C GLU A 112 -7.00 4.47 -9.69
N LYS A 113 -8.12 4.52 -8.98
CA LYS A 113 -8.78 3.31 -8.45
C LYS A 113 -9.79 2.73 -9.46
N ARG A 114 -9.76 3.23 -10.69
CA ARG A 114 -10.58 2.73 -11.81
C ARG A 114 -12.08 2.64 -11.50
N SER A 115 -12.62 3.67 -10.87
CA SER A 115 -14.03 3.68 -10.48
C SER A 115 -14.82 4.84 -11.09
N LEU A 116 -15.55 4.54 -12.16
CA LEU A 116 -16.34 5.54 -12.88
C LEU A 116 -17.48 6.09 -12.05
N GLN A 117 -18.16 5.21 -11.31
CA GLN A 117 -19.30 5.61 -10.49
C GLN A 117 -18.87 6.59 -9.40
N CYS A 118 -17.64 6.42 -8.93
CA CYS A 118 -17.06 7.31 -7.94
C CYS A 118 -16.60 8.64 -8.56
N VAL A 119 -16.07 8.56 -9.78
CA VAL A 119 -15.69 9.76 -10.55
C VAL A 119 -16.92 10.62 -10.84
N LYS A 120 -17.96 10.00 -11.40
CA LYS A 120 -19.26 10.65 -11.63
C LYS A 120 -19.71 11.40 -10.38
N LEU A 121 -19.74 10.67 -9.28
CA LEU A 121 -20.19 11.16 -7.99
C LEU A 121 -19.46 12.45 -7.56
N LEU A 122 -18.14 12.48 -7.78
CA LEU A 122 -17.33 13.65 -7.42
C LEU A 122 -17.55 14.85 -8.34
N VAL A 123 -17.56 14.59 -9.65
CA VAL A 123 -17.78 15.61 -10.67
C VAL A 123 -19.16 16.26 -10.51
N GLU A 124 -20.15 15.45 -10.11
CA GLU A 124 -21.52 15.93 -9.87
C GLU A 124 -21.63 16.91 -8.70
N ASN A 125 -20.60 16.93 -7.85
CA ASN A 125 -20.57 17.84 -6.71
C ASN A 125 -19.38 18.81 -6.77
N GLY A 126 -19.21 19.42 -7.94
CA GLY A 126 -18.30 20.55 -8.14
C GLY A 126 -16.81 20.27 -8.11
N ALA A 127 -16.41 19.06 -8.51
CA ALA A 127 -14.99 18.73 -8.62
C ALA A 127 -14.36 19.45 -9.81
N ASP A 128 -13.21 20.09 -9.56
CA ASP A 128 -12.44 20.75 -10.62
C ASP A 128 -11.67 19.70 -11.42
N VAL A 129 -12.11 19.45 -12.64
CA VAL A 129 -11.49 18.44 -13.50
C VAL A 129 -10.13 18.86 -14.07
N HIS A 130 -9.55 19.94 -13.53
CA HIS A 130 -8.30 20.48 -14.04
C HIS A 130 -7.21 20.69 -12.99
N LEU A 131 -7.39 20.10 -11.81
CA LEU A 131 -6.37 20.12 -10.77
C LEU A 131 -5.17 19.29 -11.20
N ARG A 132 -3.99 19.64 -10.68
CA ARG A 132 -2.76 19.06 -11.18
C ARG A 132 -2.02 18.20 -10.15
N ALA A 133 -1.79 16.95 -10.51
CA ALA A 133 -1.08 16.00 -9.64
C ALA A 133 0.25 15.58 -10.23
N CYS A 134 1.19 15.23 -9.36
CA CYS A 134 2.51 14.74 -9.76
C CYS A 134 3.34 15.70 -10.62
N GLY A 135 3.04 16.99 -10.52
CA GLY A 135 3.78 18.03 -11.24
C GLY A 135 5.20 18.22 -10.74
N ARG A 136 5.38 18.04 -9.42
CA ARG A 136 6.65 18.29 -8.77
C ARG A 136 7.71 17.24 -9.08
N PHE A 137 7.26 16.02 -9.36
CA PHE A 137 8.19 14.92 -9.60
C PHE A 137 8.21 14.52 -11.08
N PHE A 138 9.41 14.53 -11.65
CA PHE A 138 9.59 14.31 -13.09
C PHE A 138 10.72 13.30 -13.35
N GLN A 139 10.33 12.03 -13.50
CA GLN A 139 11.28 10.90 -13.48
C GLN A 139 12.09 10.85 -12.17
N LYS A 140 11.38 11.03 -11.06
CA LYS A 140 11.91 10.81 -9.71
C LYS A 140 11.05 9.75 -9.03
N HIS A 141 11.67 8.70 -8.51
CA HIS A 141 10.94 7.68 -7.77
C HIS A 141 10.88 8.08 -6.29
N GLN A 142 9.79 8.75 -5.90
CA GLN A 142 9.61 9.21 -4.53
C GLN A 142 8.38 8.56 -3.89
N GLY A 143 7.18 9.04 -4.24
CA GLY A 143 5.95 8.53 -3.66
C GLY A 143 5.26 7.57 -4.59
N THR A 144 3.96 7.76 -4.77
CA THR A 144 3.15 6.97 -5.67
C THR A 144 3.04 7.64 -7.05
N CYS A 145 3.81 8.72 -7.23
CA CYS A 145 3.74 9.54 -8.43
C CYS A 145 4.51 8.99 -9.62
N PHE A 146 3.87 9.04 -10.78
CA PHE A 146 4.51 8.76 -12.06
C PHE A 146 3.99 9.74 -13.09
N TYR A 147 4.62 9.82 -14.26
CA TYR A 147 4.15 10.74 -15.28
C TYR A 147 2.96 10.20 -16.05
N PHE A 148 1.82 10.86 -15.89
CA PHE A 148 0.64 10.56 -16.68
C PHE A 148 0.08 11.83 -17.29
N GLY A 149 0.84 12.93 -17.17
CA GLY A 149 0.45 14.21 -17.74
C GLY A 149 -0.31 15.12 -16.79
N GLU A 150 -0.24 14.81 -15.49
CA GLU A 150 -0.77 15.66 -14.41
C GLU A 150 -2.13 16.37 -14.49
N LEU A 151 -3.09 15.72 -15.16
CA LEU A 151 -4.39 16.34 -15.45
C LEU A 151 -5.27 15.08 -15.36
N PRO A 152 -6.43 15.18 -14.70
CA PRO A 152 -7.35 14.05 -14.55
C PRO A 152 -7.70 13.36 -15.87
N LEU A 153 -7.95 14.12 -16.92
CA LEU A 153 -8.24 13.55 -18.23
C LEU A 153 -7.05 12.75 -18.76
N SER A 154 -5.86 13.33 -18.68
CA SER A 154 -4.64 12.66 -19.11
C SER A 154 -4.46 11.34 -18.37
N LEU A 155 -4.67 11.38 -17.06
CA LEU A 155 -4.55 10.19 -16.21
C LEU A 155 -5.45 9.06 -16.71
N ALA A 156 -6.73 9.37 -16.92
CA ALA A 156 -7.70 8.38 -17.41
C ALA A 156 -7.28 7.81 -18.76
N ALA A 157 -6.74 8.67 -19.63
CA ALA A 157 -6.28 8.25 -20.94
C ALA A 157 -5.03 7.38 -20.88
N CYS A 158 -4.07 7.78 -20.05
CA CYS A 158 -2.80 7.05 -19.87
C CYS A 158 -2.98 5.72 -19.16
N THR A 159 -4.09 5.58 -18.43
CA THR A 159 -4.37 4.35 -17.69
C THR A 159 -5.39 3.47 -18.41
N LYS A 160 -5.73 3.86 -19.64
CA LYS A 160 -6.58 3.08 -20.55
C LYS A 160 -8.01 2.88 -20.04
N GLN A 161 -8.60 3.95 -19.51
CA GLN A 161 -9.98 3.94 -19.03
C GLN A 161 -10.86 4.82 -19.91
N TRP A 162 -11.36 4.23 -20.99
CA TRP A 162 -12.12 4.99 -21.99
C TRP A 162 -13.42 5.56 -21.46
N ASP A 163 -14.19 4.73 -20.76
CA ASP A 163 -15.46 5.13 -20.17
C ASP A 163 -15.32 6.37 -19.28
N VAL A 164 -14.17 6.48 -18.60
CA VAL A 164 -13.85 7.64 -17.76
C VAL A 164 -13.50 8.85 -18.63
N VAL A 165 -12.69 8.62 -19.66
CA VAL A 165 -12.34 9.67 -20.62
C VAL A 165 -13.60 10.23 -21.26
N THR A 166 -14.49 9.33 -21.68
CA THR A 166 -15.77 9.69 -22.26
C THR A 166 -16.55 10.65 -21.35
N TYR A 167 -16.70 10.28 -20.09
CA TYR A 167 -17.45 11.08 -19.13
C TYR A 167 -16.79 12.43 -18.81
N LEU A 168 -15.47 12.44 -18.69
CA LEU A 168 -14.75 13.68 -18.37
C LEU A 168 -14.90 14.73 -19.45
N LEU A 169 -15.10 14.27 -20.68
CA LEU A 169 -15.17 15.16 -21.83
C LEU A 169 -16.60 15.61 -22.14
N GLU A 170 -17.57 14.81 -21.73
CA GLU A 170 -18.96 15.02 -22.13
C GLU A 170 -19.91 15.53 -21.04
N ASN A 171 -19.64 15.18 -19.78
CA ASN A 171 -20.52 15.55 -18.67
C ASN A 171 -20.84 17.04 -18.65
N PRO A 172 -22.10 17.40 -18.32
CA PRO A 172 -22.50 18.80 -18.42
C PRO A 172 -22.07 19.63 -17.21
N HIS A 173 -21.56 18.98 -16.17
CA HIS A 173 -21.24 19.66 -14.91
C HIS A 173 -19.90 20.40 -15.01
N GLN A 174 -18.84 19.66 -15.33
CA GLN A 174 -17.51 20.22 -15.55
C GLN A 174 -16.81 19.46 -16.67
N PRO A 175 -17.05 19.85 -17.94
CA PRO A 175 -16.30 19.25 -19.04
C PRO A 175 -14.80 19.54 -18.94
N ALA A 176 -13.97 18.52 -19.20
CA ALA A 176 -12.53 18.70 -19.23
C ALA A 176 -12.09 18.98 -20.65
N SER A 177 -11.36 20.08 -20.84
CA SER A 177 -10.85 20.48 -22.15
C SER A 177 -9.69 19.59 -22.59
N LEU A 178 -9.72 19.17 -23.86
CA LEU A 178 -8.65 18.41 -24.48
C LEU A 178 -7.40 19.28 -24.69
N GLU A 179 -7.62 20.59 -24.73
CA GLU A 179 -6.57 21.58 -25.01
C GLU A 179 -5.69 21.90 -23.79
N ALA A 180 -6.13 21.47 -22.61
CA ALA A 180 -5.39 21.68 -21.37
C ALA A 180 -4.01 21.02 -21.41
N THR A 181 -3.02 21.71 -20.84
CA THR A 181 -1.64 21.23 -20.83
C THR A 181 -1.08 21.17 -19.41
N ASP A 182 -0.12 20.26 -19.19
CA ASP A 182 0.56 20.19 -17.90
C ASP A 182 1.79 21.11 -17.86
N SER A 183 2.56 21.04 -16.78
CA SER A 183 3.69 21.96 -16.57
C SER A 183 4.73 21.94 -17.69
N LEU A 184 4.75 20.85 -18.46
CA LEU A 184 5.67 20.71 -19.59
C LEU A 184 5.03 21.16 -20.91
N GLY A 185 3.84 21.75 -20.80
CA GLY A 185 3.06 22.15 -21.97
C GLY A 185 2.50 20.96 -22.73
N ASN A 186 2.44 19.81 -22.06
CA ASN A 186 2.01 18.55 -22.67
C ASN A 186 0.52 18.29 -22.56
N THR A 187 -0.12 18.14 -23.71
CA THR A 187 -1.53 17.76 -23.76
C THR A 187 -1.66 16.27 -23.53
N VAL A 188 -2.90 15.80 -23.42
CA VAL A 188 -3.18 14.37 -23.27
C VAL A 188 -2.50 13.56 -24.38
N LEU A 189 -2.50 14.09 -25.60
CA LEU A 189 -1.88 13.40 -26.74
C LEU A 189 -0.37 13.25 -26.53
N HIS A 190 0.28 14.30 -26.04
CA HIS A 190 1.69 14.26 -25.66
C HIS A 190 1.94 13.22 -24.57
N ALA A 191 1.04 13.17 -23.59
CA ALA A 191 1.17 12.28 -22.44
C ALA A 191 1.14 10.82 -22.85
N LEU A 192 0.31 10.51 -23.84
CA LEU A 192 0.20 9.15 -24.37
C LEU A 192 1.50 8.71 -25.06
N VAL A 193 2.08 9.60 -25.86
CA VAL A 193 3.36 9.36 -26.51
C VAL A 193 4.41 9.03 -25.45
N MET A 194 4.43 9.81 -24.38
CA MET A 194 5.37 9.60 -23.28
C MET A 194 5.12 8.27 -22.56
N ILE A 195 3.85 8.02 -22.19
CA ILE A 195 3.48 6.85 -21.39
C ILE A 195 3.71 5.53 -22.14
N ALA A 196 3.85 5.61 -23.46
CA ALA A 196 3.94 4.44 -24.32
C ALA A 196 5.33 3.79 -24.29
N ASP A 197 5.35 2.49 -24.00
CA ASP A 197 6.52 1.66 -24.31
C ASP A 197 6.31 1.13 -25.74
N ASN A 198 7.33 0.55 -26.34
CA ASN A 198 7.18 0.11 -27.72
C ASN A 198 6.85 -1.38 -27.88
N SER A 199 6.05 -1.89 -26.95
CA SER A 199 5.47 -3.23 -27.05
C SER A 199 4.36 -3.25 -28.11
N PRO A 200 4.26 -4.36 -28.87
CA PRO A 200 3.17 -4.51 -29.85
C PRO A 200 1.77 -4.41 -29.24
N GLU A 201 1.59 -4.96 -28.05
CA GLU A 201 0.31 -4.91 -27.35
C GLU A 201 0.00 -3.50 -26.84
N ASN A 202 0.95 -2.89 -26.15
CA ASN A 202 0.80 -1.54 -25.60
C ASN A 202 0.61 -0.45 -26.66
N SER A 203 1.41 -0.50 -27.72
CA SER A 203 1.33 0.48 -28.81
C SER A 203 -0.06 0.50 -29.46
N ALA A 204 -0.65 -0.68 -29.61
CA ALA A 204 -1.99 -0.84 -30.18
C ALA A 204 -3.05 -0.13 -29.33
N LEU A 205 -2.94 -0.27 -28.02
CA LEU A 205 -3.88 0.32 -27.08
C LEU A 205 -3.73 1.83 -26.99
N VAL A 206 -2.49 2.31 -27.05
CA VAL A 206 -2.20 3.74 -27.03
C VAL A 206 -2.74 4.41 -28.30
N ILE A 207 -2.57 3.74 -29.45
CA ILE A 207 -3.07 4.25 -30.73
C ILE A 207 -4.60 4.35 -30.73
N HIS A 208 -5.25 3.30 -30.22
CA HIS A 208 -6.71 3.27 -30.08
C HIS A 208 -7.22 4.44 -29.26
N MET A 209 -6.58 4.67 -28.11
CA MET A 209 -6.90 5.78 -27.22
C MET A 209 -6.64 7.13 -27.89
N TYR A 210 -5.48 7.23 -28.55
CA TYR A 210 -5.04 8.45 -29.25
C TYR A 210 -6.08 8.87 -30.29
N ASP A 211 -6.46 7.91 -31.15
CA ASP A 211 -7.45 8.14 -32.19
C ASP A 211 -8.81 8.56 -31.62
N GLY A 212 -9.21 7.87 -30.56
CA GLY A 212 -10.50 8.12 -29.91
C GLY A 212 -10.65 9.55 -29.43
N LEU A 213 -9.55 10.12 -28.93
CA LEU A 213 -9.55 11.49 -28.43
C LEU A 213 -9.66 12.51 -29.56
N LEU A 214 -9.07 12.20 -30.71
CA LEU A 214 -9.16 13.08 -31.87
C LEU A 214 -10.54 13.06 -32.49
N GLN A 215 -11.19 11.90 -32.43
CA GLN A 215 -12.59 11.77 -32.78
C GLN A 215 -13.42 12.74 -31.94
N MET A 216 -13.22 12.66 -30.63
CA MET A 216 -13.87 13.55 -29.67
C MET A 216 -13.41 15.00 -29.87
N GLY A 217 -12.16 15.16 -30.32
CA GLY A 217 -11.61 16.46 -30.65
C GLY A 217 -12.40 17.15 -31.76
N ALA A 218 -12.77 16.36 -32.77
CA ALA A 218 -13.59 16.85 -33.89
C ALA A 218 -14.99 17.27 -33.43
N ARG A 219 -15.56 16.55 -32.48
CA ARG A 219 -16.91 16.83 -31.99
C ARG A 219 -16.95 17.96 -30.96
N LEU A 220 -16.01 17.95 -30.02
CA LEU A 220 -16.02 18.90 -28.90
C LEU A 220 -15.35 20.24 -29.24
N CYS A 221 -14.17 20.20 -29.85
CA CYS A 221 -13.48 21.42 -30.29
C CYS A 221 -13.08 21.33 -31.78
N PRO A 222 -14.04 21.59 -32.68
CA PRO A 222 -13.84 21.34 -34.11
C PRO A 222 -12.85 22.32 -34.74
N THR A 223 -12.80 23.53 -34.19
CA THR A 223 -11.90 24.58 -34.68
C THR A 223 -10.42 24.31 -34.34
N VAL A 224 -10.17 23.68 -33.20
CA VAL A 224 -8.81 23.48 -32.69
C VAL A 224 -8.16 22.22 -33.27
N GLN A 225 -7.05 22.40 -33.96
CA GLN A 225 -6.27 21.29 -34.51
C GLN A 225 -5.32 20.76 -33.43
N LEU A 226 -5.80 19.76 -32.68
CA LEU A 226 -5.12 19.24 -31.49
C LEU A 226 -3.68 18.73 -31.72
N GLU A 227 -3.40 18.28 -32.94
CA GLU A 227 -2.15 17.61 -33.24
C GLU A 227 -1.02 18.60 -33.57
N GLU A 228 -1.38 19.86 -33.73
CA GLU A 228 -0.44 20.94 -34.04
C GLU A 228 -0.03 21.71 -32.79
N ILE A 229 -0.59 21.32 -31.64
CA ILE A 229 -0.28 21.95 -30.37
C ILE A 229 1.13 21.59 -29.92
N SER A 230 1.97 22.61 -29.81
CA SER A 230 3.39 22.46 -29.49
C SER A 230 3.64 22.60 -27.99
N ASN A 231 4.53 21.77 -27.44
CA ASN A 231 4.85 21.83 -26.00
C ASN A 231 5.99 22.80 -25.64
N HIS A 232 6.41 22.78 -24.37
CA HIS A 232 7.43 23.70 -23.84
C HIS A 232 8.79 23.63 -24.56
N GLN A 233 9.08 22.48 -25.16
CA GLN A 233 10.31 22.31 -25.93
C GLN A 233 10.09 22.48 -27.44
N GLY A 234 8.89 22.93 -27.80
CA GLY A 234 8.55 23.17 -29.19
C GLY A 234 8.34 21.89 -29.97
N LEU A 235 7.60 20.95 -29.36
CA LEU A 235 7.32 19.68 -30.00
C LEU A 235 5.82 19.41 -30.09
N THR A 236 5.37 19.04 -31.28
CA THR A 236 4.03 18.51 -31.46
C THR A 236 4.10 17.02 -31.16
N PRO A 237 2.94 16.38 -30.86
CA PRO A 237 2.96 14.94 -30.55
C PRO A 237 3.76 14.12 -31.55
N LEU A 238 3.75 14.54 -32.82
CA LEU A 238 4.52 13.89 -33.88
C LEU A 238 6.01 13.97 -33.60
N LYS A 239 6.49 15.19 -33.38
CA LYS A 239 7.91 15.45 -33.11
C LYS A 239 8.39 14.73 -31.84
N LEU A 240 7.56 14.76 -30.79
CA LEU A 240 7.88 14.10 -29.52
C LEU A 240 8.04 12.60 -29.70
N ALA A 241 7.11 12.01 -30.45
CA ALA A 241 7.11 10.58 -30.76
C ALA A 241 8.41 10.10 -31.39
N ALA A 242 9.06 10.96 -32.17
CA ALA A 242 10.35 10.65 -32.76
C ALA A 242 11.45 10.81 -31.72
N LYS A 243 11.45 11.94 -31.01
CA LYS A 243 12.48 12.23 -30.02
C LYS A 243 12.57 11.12 -28.97
N GLU A 244 11.42 10.67 -28.50
CA GLU A 244 11.33 9.65 -27.46
C GLU A 244 11.58 8.23 -27.96
N GLY A 245 11.80 8.09 -29.26
CA GLY A 245 12.04 6.80 -29.90
C GLY A 245 10.85 5.86 -29.92
N LYS A 246 9.65 6.42 -29.75
CA LYS A 246 8.43 5.61 -29.76
C LYS A 246 8.02 5.35 -31.22
N ILE A 247 8.84 4.56 -31.91
CA ILE A 247 8.77 4.35 -33.36
C ILE A 247 7.36 4.04 -33.88
N GLU A 248 6.69 3.10 -33.21
CA GLU A 248 5.43 2.54 -33.70
C GLU A 248 4.30 3.56 -33.77
N ILE A 249 4.17 4.36 -32.71
CA ILE A 249 3.08 5.35 -32.65
C ILE A 249 3.46 6.61 -33.45
N PHE A 250 4.77 6.82 -33.64
CA PHE A 250 5.28 7.83 -34.56
C PHE A 250 4.91 7.47 -36.00
N ARG A 251 4.98 6.18 -36.30
CA ARG A 251 4.57 5.64 -37.60
C ARG A 251 3.06 5.87 -37.81
N HIS A 252 2.28 5.83 -36.74
CA HIS A 252 0.83 6.02 -36.83
C HIS A 252 0.41 7.48 -36.99
N ILE A 253 0.98 8.38 -36.17
CA ILE A 253 0.70 9.81 -36.29
C ILE A 253 1.07 10.30 -37.69
N LEU A 254 2.15 9.74 -38.23
CA LEU A 254 2.66 10.07 -39.55
C LEU A 254 1.61 9.81 -40.64
N GLN A 255 1.08 8.58 -40.66
CA GLN A 255 0.09 8.18 -41.66
C GLN A 255 -1.16 9.06 -41.63
N ARG A 256 -1.66 9.35 -40.43
CA ARG A 256 -2.83 10.22 -40.25
C ARG A 256 -2.63 11.60 -40.87
N GLU A 257 -1.40 12.07 -40.87
CA GLU A 257 -1.07 13.38 -41.44
C GLU A 257 -1.05 13.34 -42.97
N PHE A 258 -0.74 12.18 -43.54
CA PHE A 258 -0.66 12.01 -44.99
C PHE A 258 -1.87 11.26 -45.55
N SER A 259 -3.04 11.89 -45.50
CA SER A 259 -4.30 11.28 -45.92
C SER A 259 -4.99 12.07 -47.02
N GLN B 9 -8.31 -16.93 -25.94
CA GLN B 9 -8.26 -15.54 -26.48
C GLN B 9 -8.94 -14.52 -25.53
N GLU B 10 -8.17 -13.95 -24.61
CA GLU B 10 -6.74 -14.23 -24.49
C GLU B 10 -6.34 -14.97 -23.19
N PRO B 11 -6.12 -14.25 -22.05
CA PRO B 11 -6.16 -12.82 -21.74
C PRO B 11 -4.78 -12.15 -21.81
N ASP B 12 -4.76 -10.84 -21.54
CA ASP B 12 -3.55 -10.02 -21.64
C ASP B 12 -2.43 -10.47 -20.72
N ARG B 13 -1.19 -10.20 -21.14
CA ARG B 13 0.00 -10.57 -20.39
C ARG B 13 0.16 -9.75 -19.12
N PHE B 14 0.44 -10.44 -18.02
CA PHE B 14 0.67 -9.81 -16.72
C PHE B 14 1.96 -10.39 -16.15
N ASP B 15 3.07 -9.70 -16.39
CA ASP B 15 4.40 -10.18 -15.99
C ASP B 15 4.84 -9.64 -14.63
N ARG B 16 5.97 -10.15 -14.14
CA ARG B 16 6.52 -9.79 -12.83
C ARG B 16 6.76 -8.28 -12.69
N ASP B 17 7.45 -7.69 -13.66
CA ASP B 17 7.79 -6.27 -13.64
C ASP B 17 6.59 -5.39 -13.29
N ARG B 18 5.46 -5.70 -13.92
CA ARG B 18 4.22 -4.95 -13.75
C ARG B 18 3.58 -5.18 -12.38
N LEU B 19 3.50 -6.44 -11.97
CA LEU B 19 2.93 -6.83 -10.67
C LEU B 19 3.66 -6.19 -9.49
N PHE B 20 4.99 -6.15 -9.60
CA PHE B 20 5.84 -5.54 -8.58
C PHE B 20 5.67 -4.03 -8.56
N SER B 21 5.46 -3.45 -9.74
CA SER B 21 5.19 -2.02 -9.89
C SER B 21 3.84 -1.65 -9.27
N VAL B 22 2.84 -2.52 -9.44
CA VAL B 22 1.50 -2.31 -8.88
C VAL B 22 1.52 -2.32 -7.35
N VAL B 23 2.13 -3.33 -6.75
CA VAL B 23 2.18 -3.46 -5.29
C VAL B 23 3.05 -2.37 -4.63
N SER B 24 3.98 -1.80 -5.39
CA SER B 24 4.81 -0.68 -4.94
C SER B 24 3.94 0.55 -4.68
N ARG B 25 3.50 1.20 -5.75
CA ARG B 25 2.46 2.22 -5.67
C ARG B 25 1.11 1.53 -5.51
N GLY B 26 0.84 1.12 -4.27
CA GLY B 26 -0.19 0.13 -3.95
C GLY B 26 -1.65 0.46 -4.20
N VAL B 27 -2.09 0.33 -5.45
CA VAL B 27 -3.50 0.42 -5.83
C VAL B 27 -4.02 -0.93 -6.32
N PRO B 28 -4.89 -1.59 -5.53
CA PRO B 28 -5.30 -2.97 -5.81
C PRO B 28 -6.19 -3.18 -7.05
N GLU B 29 -6.72 -2.10 -7.62
CA GLU B 29 -7.57 -2.20 -8.81
C GLU B 29 -6.76 -2.44 -10.09
N GLU B 30 -5.45 -2.21 -10.01
CA GLU B 30 -4.55 -2.44 -11.13
C GLU B 30 -4.03 -3.88 -11.14
N LEU B 31 -4.58 -4.69 -10.22
CA LEU B 31 -4.29 -6.11 -10.17
C LEU B 31 -5.24 -6.90 -11.05
N THR B 32 -6.30 -6.25 -11.52
CA THR B 32 -7.29 -6.93 -12.36
C THR B 32 -6.65 -7.54 -13.60
N GLY B 33 -7.13 -8.73 -13.98
CA GLY B 33 -6.57 -9.44 -15.11
C GLY B 33 -5.53 -10.46 -14.72
N LEU B 34 -4.79 -10.19 -13.65
CA LEU B 34 -3.72 -11.09 -13.20
C LEU B 34 -4.23 -12.51 -13.00
N LEU B 35 -5.28 -12.66 -12.18
CA LEU B 35 -5.86 -13.97 -11.89
C LEU B 35 -6.21 -14.73 -13.17
N GLU B 36 -6.82 -14.06 -14.13
CA GLU B 36 -7.18 -14.66 -15.42
C GLU B 36 -5.94 -15.17 -16.15
N TYR B 37 -4.87 -14.38 -16.09
CA TYR B 37 -3.62 -14.72 -16.76
C TYR B 37 -2.93 -15.91 -16.11
N LEU B 38 -2.93 -15.93 -14.78
CA LEU B 38 -2.35 -17.03 -14.02
C LEU B 38 -3.06 -18.35 -14.31
N ARG B 39 -4.39 -18.35 -14.21
CA ARG B 39 -5.17 -19.58 -14.37
C ARG B 39 -5.15 -20.10 -15.80
N TRP B 40 -5.10 -19.19 -16.77
CA TRP B 40 -5.03 -19.58 -18.17
C TRP B 40 -3.76 -20.37 -18.43
N ASN B 41 -2.64 -19.87 -17.89
CA ASN B 41 -1.33 -20.44 -18.12
C ASN B 41 -0.84 -21.31 -16.97
N SER B 42 -1.74 -21.61 -16.03
CA SER B 42 -1.45 -22.47 -14.88
C SER B 42 -0.18 -22.02 -14.15
N LYS B 43 -0.09 -20.72 -13.87
CA LYS B 43 1.02 -20.14 -13.13
C LYS B 43 0.56 -19.84 -11.71
N TYR B 44 1.48 -19.98 -10.75
CA TYR B 44 1.24 -19.53 -9.39
C TYR B 44 2.14 -18.35 -9.11
N LEU B 45 1.80 -17.55 -8.09
CA LEU B 45 2.61 -16.40 -7.72
C LEU B 45 3.92 -16.80 -7.03
N THR B 46 3.97 -18.04 -6.55
CA THR B 46 5.17 -18.59 -5.93
C THR B 46 6.19 -19.15 -6.92
N ASP B 47 5.88 -19.07 -8.22
CA ASP B 47 6.80 -19.52 -9.27
C ASP B 47 7.95 -18.53 -9.46
N SER B 48 9.09 -19.04 -9.93
CA SER B 48 10.26 -18.19 -10.16
C SER B 48 10.00 -17.08 -11.18
N ALA B 49 9.01 -17.31 -12.04
CA ALA B 49 8.55 -16.31 -13.00
C ALA B 49 8.10 -15.02 -12.31
N TYR B 50 7.46 -15.18 -11.15
CA TYR B 50 6.88 -14.06 -10.41
C TYR B 50 7.65 -13.70 -9.13
N THR B 51 8.89 -14.18 -9.03
CA THR B 51 9.81 -13.83 -7.94
C THR B 51 11.17 -13.51 -8.54
N GLU B 52 11.90 -12.57 -7.94
CA GLU B 52 13.25 -12.26 -8.41
C GLU B 52 14.26 -13.33 -7.98
N GLY B 53 14.42 -14.32 -8.87
CA GLY B 53 15.16 -15.55 -8.57
C GLY B 53 14.22 -16.55 -7.91
N SER B 54 14.50 -17.84 -8.08
CA SER B 54 13.75 -18.86 -7.34
C SER B 54 14.31 -18.95 -5.92
N THR B 55 13.39 -18.98 -4.95
CA THR B 55 13.67 -18.75 -3.52
C THR B 55 14.06 -17.29 -3.25
N GLY B 56 13.52 -16.39 -4.07
CA GLY B 56 13.74 -14.95 -3.93
C GLY B 56 12.47 -14.20 -3.51
N LYS B 57 12.57 -12.88 -3.48
CA LYS B 57 11.49 -11.99 -3.02
C LYS B 57 10.19 -12.18 -3.80
N THR B 58 9.12 -12.56 -3.11
CA THR B 58 7.80 -12.71 -3.73
C THR B 58 7.09 -11.36 -3.80
N CYS B 59 5.98 -11.33 -4.53
CA CYS B 59 5.22 -10.09 -4.70
C CYS B 59 4.52 -9.64 -3.42
N LEU B 60 4.23 -10.59 -2.54
CA LEU B 60 3.62 -10.24 -1.25
C LEU B 60 4.62 -9.55 -0.33
N MET B 61 5.86 -10.04 -0.31
CA MET B 61 6.93 -9.42 0.48
C MET B 61 7.18 -7.99 0.06
N LYS B 62 7.17 -7.74 -1.25
CA LYS B 62 7.32 -6.41 -1.81
C LYS B 62 6.22 -5.49 -1.28
N ALA B 63 4.99 -6.01 -1.22
CA ALA B 63 3.86 -5.26 -0.67
C ALA B 63 4.08 -4.87 0.79
N VAL B 64 4.59 -5.80 1.59
CA VAL B 64 4.85 -5.58 3.01
C VAL B 64 6.04 -4.65 3.22
N LEU B 65 6.95 -4.59 2.24
CA LEU B 65 8.07 -3.68 2.29
C LEU B 65 7.68 -2.25 1.91
N ASN B 66 6.55 -2.12 1.21
CA ASN B 66 6.01 -0.81 0.85
C ASN B 66 4.70 -0.49 1.58
N LEU B 67 4.83 0.08 2.77
CA LEU B 67 3.68 0.36 3.64
C LEU B 67 3.21 1.80 3.58
N GLN B 68 1.95 2.00 3.92
CA GLN B 68 1.31 3.31 3.90
C GLN B 68 0.28 3.36 5.02
N ASP B 69 0.54 4.19 6.02
CA ASP B 69 -0.22 4.17 7.28
C ASP B 69 -0.18 2.79 7.94
N GLY B 70 0.97 2.13 7.81
CA GLY B 70 1.16 0.80 8.39
C GLY B 70 0.59 -0.38 7.60
N VAL B 71 0.02 -0.09 6.43
CA VAL B 71 -0.60 -1.13 5.59
C VAL B 71 -0.30 -1.00 4.10
N ASN B 72 -0.69 -2.02 3.34
CA ASN B 72 -0.64 -2.00 1.89
C ASN B 72 -1.94 -2.58 1.33
N ALA B 73 -2.63 -1.79 0.53
CA ALA B 73 -3.96 -2.14 0.01
C ALA B 73 -3.96 -3.40 -0.87
N CYS B 74 -2.78 -3.82 -1.34
CA CYS B 74 -2.68 -4.95 -2.26
C CYS B 74 -2.54 -6.29 -1.55
N ILE B 75 -2.22 -6.27 -0.26
CA ILE B 75 -1.96 -7.50 0.51
C ILE B 75 -3.12 -8.47 0.45
N MET B 76 -4.27 -8.05 0.98
CA MET B 76 -5.47 -8.87 0.96
C MET B 76 -5.83 -9.36 -0.45
N PRO B 77 -5.95 -8.45 -1.44
CA PRO B 77 -6.20 -8.87 -2.84
C PRO B 77 -5.23 -9.91 -3.40
N LEU B 78 -3.96 -9.86 -2.98
CA LEU B 78 -2.98 -10.85 -3.44
C LEU B 78 -3.26 -12.23 -2.85
N LEU B 79 -3.47 -12.28 -1.53
CA LEU B 79 -3.78 -13.52 -0.83
C LEU B 79 -5.09 -14.12 -1.36
N GLN B 80 -5.97 -13.24 -1.84
CA GLN B 80 -7.19 -13.65 -2.51
C GLN B 80 -6.87 -14.27 -3.87
N ILE B 81 -6.06 -13.56 -4.66
CA ILE B 81 -5.67 -14.01 -6.00
C ILE B 81 -4.94 -15.35 -5.91
N ASP B 82 -3.98 -15.44 -4.99
CA ASP B 82 -3.21 -16.67 -4.77
C ASP B 82 -4.12 -17.86 -4.49
N LYS B 83 -5.07 -17.66 -3.57
CA LYS B 83 -6.04 -18.70 -3.21
C LYS B 83 -6.85 -19.15 -4.43
N ASP B 84 -7.41 -18.17 -5.14
CA ASP B 84 -8.28 -18.43 -6.30
C ASP B 84 -7.56 -19.08 -7.49
N SER B 85 -6.25 -18.87 -7.57
CA SER B 85 -5.42 -19.48 -8.61
C SER B 85 -5.16 -20.97 -8.37
N GLY B 86 -5.51 -21.47 -7.19
CA GLY B 86 -5.39 -22.89 -6.85
C GLY B 86 -4.00 -23.35 -6.45
N ASN B 87 -3.22 -22.45 -5.86
CA ASN B 87 -1.86 -22.72 -5.40
C ASN B 87 -1.81 -23.65 -4.18
N PRO B 88 -1.21 -24.86 -4.33
CA PRO B 88 -1.14 -25.80 -3.21
C PRO B 88 -0.16 -25.39 -2.11
N LYS B 89 0.81 -24.53 -2.43
CA LYS B 89 1.76 -24.01 -1.47
C LYS B 89 1.55 -22.49 -1.32
N PRO B 90 0.70 -22.09 -0.35
CA PRO B 90 0.24 -20.70 -0.21
C PRO B 90 1.35 -19.65 -0.23
N LEU B 91 1.09 -18.55 -0.95
CA LEU B 91 2.03 -17.43 -1.07
C LEU B 91 2.42 -16.85 0.28
N VAL B 92 1.47 -16.85 1.22
CA VAL B 92 1.67 -16.27 2.54
C VAL B 92 2.83 -16.93 3.29
N ASN B 93 3.07 -18.20 2.98
CA ASN B 93 4.08 -18.98 3.69
C ASN B 93 5.39 -19.13 2.92
N ALA B 94 5.47 -18.48 1.76
CA ALA B 94 6.69 -18.43 0.97
C ALA B 94 7.80 -17.76 1.76
N GLN B 95 9.03 -18.29 1.61
CA GLN B 95 10.20 -17.76 2.32
C GLN B 95 11.29 -17.37 1.34
N CYS B 96 12.12 -16.43 1.76
CA CYS B 96 13.06 -15.76 0.87
C CYS B 96 14.52 -15.98 1.28
N THR B 97 15.31 -16.54 0.35
CA THR B 97 16.74 -16.76 0.57
C THR B 97 17.59 -16.19 -0.58
N ASP B 98 18.39 -15.19 -0.23
CA ASP B 98 19.13 -14.36 -1.16
C ASP B 98 20.17 -13.57 -0.36
N GLU B 99 20.96 -12.77 -1.05
CA GLU B 99 22.16 -12.18 -0.49
C GLU B 99 21.79 -11.49 0.82
N PHE B 100 20.61 -10.88 0.87
CA PHE B 100 20.20 -10.04 1.99
C PHE B 100 19.18 -10.68 2.94
N TYR B 101 18.40 -11.64 2.44
CA TYR B 101 17.43 -12.36 3.27
C TYR B 101 17.72 -13.86 3.33
N GLN B 102 17.36 -14.48 4.45
CA GLN B 102 17.55 -15.92 4.64
C GLN B 102 16.38 -16.51 5.42
N GLY B 103 15.44 -17.12 4.71
CA GLY B 103 14.28 -17.75 5.31
C GLY B 103 13.23 -16.78 5.85
N HIS B 104 13.27 -15.54 5.39
CA HIS B 104 12.28 -14.55 5.80
C HIS B 104 10.93 -14.76 5.12
N SER B 105 9.89 -14.88 5.95
CA SER B 105 8.51 -14.88 5.47
C SER B 105 7.96 -13.45 5.48
N ALA B 106 6.86 -13.24 4.77
CA ALA B 106 6.16 -11.97 4.83
C ALA B 106 5.94 -11.51 6.27
N LEU B 107 5.65 -12.47 7.16
CA LEU B 107 5.44 -12.18 8.58
C LEU B 107 6.68 -11.62 9.25
N HIS B 108 7.84 -12.25 9.03
CA HIS B 108 9.11 -11.77 9.58
C HIS B 108 9.34 -10.31 9.20
N ILE B 109 9.07 -9.99 7.94
CA ILE B 109 9.22 -8.65 7.42
C ILE B 109 8.19 -7.70 8.01
N ALA B 110 6.98 -8.20 8.24
CA ALA B 110 5.91 -7.42 8.85
C ALA B 110 6.27 -7.04 10.28
N ILE B 111 6.90 -7.97 10.99
CA ILE B 111 7.34 -7.73 12.36
C ILE B 111 8.52 -6.78 12.36
N GLU B 112 9.46 -6.99 11.44
CA GLU B 112 10.63 -6.13 11.30
C GLU B 112 10.25 -4.68 10.97
N LYS B 113 9.18 -4.51 10.20
CA LYS B 113 8.68 -3.17 9.85
C LYS B 113 7.61 -2.69 10.83
N ARG B 114 7.55 -3.37 11.98
CA ARG B 114 6.73 -2.95 13.13
C ARG B 114 5.29 -2.61 12.75
N SER B 115 4.65 -3.52 12.03
CA SER B 115 3.27 -3.34 11.60
C SER B 115 2.36 -4.45 12.11
N LEU B 116 1.63 -4.16 13.19
CA LEU B 116 0.68 -5.11 13.76
C LEU B 116 -0.46 -5.35 12.77
N GLN B 117 -0.83 -4.29 12.06
CA GLN B 117 -1.89 -4.34 11.06
C GLN B 117 -1.59 -5.35 9.94
N CYS B 118 -0.32 -5.50 9.59
CA CYS B 118 0.09 -6.53 8.63
C CYS B 118 0.10 -7.90 9.27
N VAL B 119 0.63 -7.97 10.50
CA VAL B 119 0.69 -9.21 11.25
C VAL B 119 -0.71 -9.81 11.35
N LYS B 120 -1.66 -8.99 11.82
CA LYS B 120 -3.06 -9.39 11.88
C LYS B 120 -3.57 -9.90 10.54
N LEU B 121 -3.21 -9.19 9.46
CA LEU B 121 -3.71 -9.49 8.12
C LEU B 121 -3.15 -10.81 7.57
N LEU B 122 -1.88 -11.09 7.84
CA LEU B 122 -1.25 -12.31 7.36
C LEU B 122 -1.67 -13.51 8.19
N VAL B 123 -1.78 -13.33 9.50
CA VAL B 123 -2.20 -14.38 10.41
C VAL B 123 -3.67 -14.77 10.15
N GLU B 124 -4.50 -13.76 9.86
CA GLU B 124 -5.90 -14.01 9.49
C GLU B 124 -6.03 -14.83 8.20
N ASN B 125 -4.98 -14.81 7.38
CA ASN B 125 -4.99 -15.46 6.07
C ASN B 125 -4.00 -16.61 5.91
N GLY B 126 -3.90 -17.44 6.94
CA GLY B 126 -3.19 -18.72 6.85
C GLY B 126 -1.69 -18.71 7.09
N ALA B 127 -1.17 -17.67 7.74
CA ALA B 127 0.26 -17.55 8.00
C ALA B 127 0.74 -18.55 9.05
N ASP B 128 1.78 -19.30 8.71
CA ASP B 128 2.44 -20.20 9.66
C ASP B 128 3.33 -19.34 10.56
N VAL B 129 3.03 -19.36 11.86
CA VAL B 129 3.74 -18.52 12.84
C VAL B 129 5.03 -19.13 13.38
N HIS B 130 5.42 -20.29 12.85
CA HIS B 130 6.61 -21.00 13.32
C HIS B 130 7.67 -21.19 12.22
N LEU B 131 7.54 -20.44 11.13
CA LEU B 131 8.57 -20.41 10.11
C LEU B 131 9.84 -19.82 10.69
N ARG B 132 11.00 -20.17 10.13
CA ARG B 132 12.29 -19.85 10.75
C ARG B 132 13.18 -19.04 9.84
N ALA B 133 13.50 -17.83 10.27
CA ALA B 133 14.41 -16.96 9.53
C ALA B 133 15.77 -16.87 10.23
N CYS B 134 16.82 -16.64 9.44
CA CYS B 134 18.17 -16.38 9.95
C CYS B 134 18.79 -17.56 10.70
N GLY B 135 18.28 -18.76 10.46
CA GLY B 135 18.78 -19.97 11.10
C GLY B 135 20.12 -20.40 10.57
N ARG B 136 20.62 -19.70 9.56
CA ARG B 136 21.90 -20.02 8.93
C ARG B 136 23.01 -19.04 9.28
N PHE B 137 22.65 -17.96 9.98
CA PHE B 137 23.57 -16.87 10.29
C PHE B 137 24.71 -17.26 11.24
N PHE B 138 24.39 -17.43 12.52
CA PHE B 138 25.35 -17.93 13.49
C PHE B 138 26.60 -17.07 13.56
N GLN B 139 26.50 -15.80 13.97
CA GLN B 139 27.64 -14.88 13.87
C GLN B 139 28.14 -14.28 12.54
N LYS B 140 27.20 -13.71 11.83
CA LYS B 140 27.21 -12.55 10.94
C LYS B 140 27.02 -13.38 9.67
N GLY B 143 23.93 -10.84 5.27
CA GLY B 143 22.78 -10.07 4.83
C GLY B 143 22.17 -9.24 5.94
N THR B 144 20.84 -9.27 6.05
CA THR B 144 20.12 -8.54 7.10
C THR B 144 19.92 -9.40 8.35
N CYS B 145 20.47 -10.60 8.32
CA CYS B 145 20.17 -11.63 9.32
C CYS B 145 20.97 -11.59 10.62
N PHE B 146 20.42 -10.89 11.61
CA PHE B 146 20.93 -10.93 12.97
C PHE B 146 20.21 -12.02 13.77
N TYR B 147 20.77 -12.40 14.92
CA TYR B 147 20.14 -13.42 15.76
C TYR B 147 19.03 -12.86 16.67
N PHE B 148 17.84 -13.44 16.53
CA PHE B 148 16.70 -13.05 17.33
C PHE B 148 15.86 -14.26 17.74
N GLY B 149 16.34 -15.45 17.43
CA GLY B 149 15.64 -16.65 17.84
C GLY B 149 14.94 -17.39 16.73
N GLU B 150 15.06 -16.91 15.51
CA GLU B 150 14.56 -17.67 14.36
C GLU B 150 13.06 -17.83 13.99
N LEU B 151 12.20 -17.21 14.77
CA LEU B 151 10.84 -17.60 15.15
C LEU B 151 10.22 -16.21 15.26
N PRO B 152 9.06 -16.00 14.59
CA PRO B 152 8.35 -14.72 14.60
C PRO B 152 8.03 -14.19 16.01
N LEU B 153 7.52 -15.05 16.89
CA LEU B 153 7.27 -14.66 18.28
C LEU B 153 8.54 -14.12 18.94
N SER B 154 9.65 -14.84 18.76
CA SER B 154 10.94 -14.45 19.31
C SER B 154 11.42 -13.13 18.72
N LEU B 155 11.18 -12.92 17.43
CA LEU B 155 11.56 -11.68 16.76
C LEU B 155 10.79 -10.50 17.33
N ALA B 156 9.49 -10.72 17.57
CA ALA B 156 8.64 -9.72 18.19
C ALA B 156 9.12 -9.36 19.59
N ALA B 157 9.56 -10.37 20.33
CA ALA B 157 10.03 -10.19 21.71
C ALA B 157 11.40 -9.51 21.75
N CYS B 158 12.30 -9.93 20.87
CA CYS B 158 13.63 -9.37 20.82
C CYS B 158 13.68 -7.96 20.26
N THR B 159 12.54 -7.48 19.75
CA THR B 159 12.48 -6.18 19.10
C THR B 159 11.54 -5.19 19.83
N LYS B 160 11.18 -5.53 21.05
CA LYS B 160 10.35 -4.69 21.95
C LYS B 160 8.97 -4.31 21.40
N GLN B 161 8.28 -5.28 20.80
CA GLN B 161 6.94 -5.08 20.28
C GLN B 161 5.95 -5.94 21.06
N TRP B 162 5.44 -5.40 22.17
CA TRP B 162 4.55 -6.16 23.05
C TRP B 162 3.18 -6.42 22.45
N ASP B 163 2.68 -5.46 21.68
CA ASP B 163 1.41 -5.59 20.98
C ASP B 163 1.41 -6.81 20.04
N VAL B 164 2.51 -6.99 19.31
CA VAL B 164 2.69 -8.09 18.36
C VAL B 164 2.80 -9.42 19.09
N VAL B 165 3.60 -9.45 20.15
CA VAL B 165 3.76 -10.64 21.00
C VAL B 165 2.40 -11.16 21.45
N THR B 166 1.60 -10.30 22.08
CA THR B 166 0.28 -10.69 22.57
C THR B 166 -0.60 -11.26 21.46
N TYR B 167 -0.61 -10.62 20.30
CA TYR B 167 -1.43 -11.10 19.19
C TYR B 167 -0.99 -12.47 18.71
N LEU B 168 0.31 -12.64 18.52
CA LEU B 168 0.86 -13.92 18.09
C LEU B 168 0.53 -15.01 19.09
N LEU B 169 0.49 -14.63 20.37
CA LEU B 169 0.23 -15.58 21.44
C LEU B 169 -1.25 -15.90 21.62
N GLU B 170 -2.13 -14.97 21.28
CA GLU B 170 -3.56 -15.08 21.62
C GLU B 170 -4.55 -15.17 20.44
N ASN B 171 -4.10 -14.83 19.23
CA ASN B 171 -4.98 -14.88 18.06
C ASN B 171 -5.65 -16.25 17.89
N PRO B 172 -6.90 -16.26 17.38
CA PRO B 172 -7.62 -17.54 17.29
C PRO B 172 -7.18 -18.40 16.11
N HIS B 173 -6.38 -17.82 15.22
CA HIS B 173 -6.06 -18.46 13.94
C HIS B 173 -4.86 -19.40 14.03
N GLN B 174 -3.66 -18.83 14.16
CA GLN B 174 -2.45 -19.62 14.43
C GLN B 174 -1.74 -19.07 15.67
N PRO B 175 -2.07 -19.62 16.86
CA PRO B 175 -1.44 -19.16 18.09
C PRO B 175 0.00 -19.67 18.18
N ALA B 176 0.94 -18.78 18.50
CA ALA B 176 2.34 -19.16 18.60
C ALA B 176 2.66 -19.78 19.96
N SER B 177 3.31 -20.94 19.92
CA SER B 177 3.71 -21.65 21.13
C SER B 177 4.92 -20.98 21.77
N LEU B 178 4.86 -20.81 23.09
CA LEU B 178 5.99 -20.28 23.85
C LEU B 178 7.13 -21.28 23.95
N GLU B 179 6.76 -22.57 23.99
CA GLU B 179 7.74 -23.66 24.11
C GLU B 179 8.59 -23.87 22.85
N ALA B 180 8.20 -23.22 21.77
CA ALA B 180 8.87 -23.38 20.48
C ALA B 180 10.34 -22.98 20.58
N THR B 181 11.21 -23.82 20.02
CA THR B 181 12.66 -23.60 20.06
C THR B 181 13.23 -23.42 18.66
N ASP B 182 14.35 -22.70 18.55
CA ASP B 182 15.07 -22.54 17.28
C ASP B 182 16.12 -23.64 17.08
N SER B 183 16.97 -23.49 16.06
CA SER B 183 17.95 -24.53 15.69
C SER B 183 19.05 -24.75 16.73
N LEU B 184 19.18 -23.82 17.67
CA LEU B 184 20.12 -23.97 18.78
C LEU B 184 19.42 -24.52 20.02
N GLY B 185 18.10 -24.72 19.90
CA GLY B 185 17.28 -25.19 21.02
C GLY B 185 16.80 -24.08 21.93
N ASN B 186 17.05 -22.84 21.52
CA ASN B 186 16.70 -21.66 22.31
C ASN B 186 15.23 -21.29 22.17
N THR B 187 14.58 -21.02 23.29
CA THR B 187 13.21 -20.49 23.29
C THR B 187 13.23 -18.98 23.18
N VAL B 188 12.07 -18.35 23.34
CA VAL B 188 11.96 -16.89 23.31
C VAL B 188 12.75 -16.25 24.46
N LEU B 189 12.83 -16.96 25.59
CA LEU B 189 13.52 -16.48 26.77
C LEU B 189 15.03 -16.52 26.56
N HIS B 190 15.52 -17.64 26.04
CA HIS B 190 16.94 -17.80 25.70
C HIS B 190 17.38 -16.69 24.74
N ALA B 191 16.56 -16.45 23.71
CA ALA B 191 16.84 -15.43 22.71
C ALA B 191 17.02 -14.07 23.37
N LEU B 192 16.16 -13.77 24.35
CA LEU B 192 16.20 -12.52 25.10
C LEU B 192 17.47 -12.35 25.92
N VAL B 193 17.98 -13.44 26.47
CA VAL B 193 19.26 -13.42 27.18
C VAL B 193 20.35 -12.96 26.22
N MET B 194 20.34 -13.54 25.02
CA MET B 194 21.33 -13.29 24.00
C MET B 194 21.34 -11.83 23.48
N ILE B 195 20.17 -11.26 23.26
CA ILE B 195 20.07 -9.90 22.73
C ILE B 195 20.42 -8.81 23.75
N ALA B 196 20.48 -9.17 25.03
CA ALA B 196 20.75 -8.21 26.11
C ALA B 196 22.22 -7.78 26.12
N ASP B 197 22.46 -6.47 26.20
CA ASP B 197 23.82 -5.94 26.16
C ASP B 197 24.35 -5.46 27.52
N ASN B 198 23.45 -5.35 28.50
CA ASN B 198 23.77 -4.95 29.89
C ASN B 198 23.81 -3.46 30.18
N SER B 199 23.43 -2.63 29.22
CA SER B 199 23.33 -1.19 29.46
C SER B 199 22.01 -0.98 30.19
N PRO B 200 21.98 -0.04 31.17
CA PRO B 200 20.86 0.12 32.10
C PRO B 200 19.47 0.18 31.43
N GLU B 201 19.32 1.03 30.41
CA GLU B 201 18.03 1.22 29.75
C GLU B 201 17.61 0.00 28.91
N ASN B 202 18.59 -0.64 28.27
CA ASN B 202 18.33 -1.84 27.48
C ASN B 202 17.89 -3.02 28.35
N SER B 203 18.59 -3.21 29.47
CA SER B 203 18.31 -4.30 30.40
C SER B 203 16.88 -4.23 30.93
N ALA B 204 16.46 -3.03 31.34
CA ALA B 204 15.10 -2.81 31.85
C ALA B 204 14.03 -3.22 30.83
N LEU B 205 14.24 -2.86 29.57
CA LEU B 205 13.30 -3.23 28.51
C LEU B 205 13.21 -4.73 28.32
N VAL B 206 14.36 -5.41 28.40
CA VAL B 206 14.42 -6.87 28.25
C VAL B 206 13.75 -7.55 29.44
N ILE B 207 14.12 -7.14 30.65
CA ILE B 207 13.53 -7.67 31.88
C ILE B 207 12.00 -7.60 31.84
N HIS B 208 11.47 -6.42 31.48
CA HIS B 208 10.04 -6.21 31.35
C HIS B 208 9.40 -7.22 30.40
N MET B 209 10.03 -7.43 29.25
CA MET B 209 9.56 -8.36 28.23
C MET B 209 9.65 -9.81 28.74
N TYR B 210 10.77 -10.12 29.39
CA TYR B 210 11.01 -11.45 29.95
C TYR B 210 9.89 -11.84 30.91
N ASP B 211 9.58 -10.94 31.86
CA ASP B 211 8.53 -11.16 32.86
C ASP B 211 7.17 -11.31 32.21
N GLY B 212 6.84 -10.38 31.32
CA GLY B 212 5.57 -10.39 30.58
C GLY B 212 5.29 -11.74 29.94
N LEU B 213 6.30 -12.32 29.32
CA LEU B 213 6.20 -13.63 28.70
C LEU B 213 5.88 -14.74 29.70
N LEU B 214 6.46 -14.64 30.90
CA LEU B 214 6.24 -15.67 31.92
C LEU B 214 4.82 -15.65 32.46
N GLN B 215 4.28 -14.45 32.70
CA GLN B 215 2.89 -14.30 33.11
C GLN B 215 1.92 -14.59 31.96
N MET B 216 2.42 -14.54 30.73
CA MET B 216 1.71 -15.06 29.58
C MET B 216 1.74 -16.59 29.58
N GLY B 217 2.89 -17.15 29.91
CA GLY B 217 3.07 -18.60 30.05
C GLY B 217 2.21 -19.19 31.14
N ALA B 218 1.98 -18.41 32.19
CA ALA B 218 1.12 -18.81 33.29
C ALA B 218 -0.31 -19.06 32.82
N ARG B 219 -0.76 -18.24 31.86
CA ARG B 219 -2.14 -18.31 31.34
C ARG B 219 -2.31 -19.34 30.23
N LEU B 220 -1.39 -19.33 29.26
CA LEU B 220 -1.52 -20.15 28.06
C LEU B 220 -1.04 -21.59 28.24
N CYS B 221 0.16 -21.79 28.77
CA CYS B 221 0.67 -23.13 29.07
C CYS B 221 1.09 -23.27 30.54
N PRO B 222 0.09 -23.41 31.45
CA PRO B 222 0.32 -23.31 32.89
C PRO B 222 1.13 -24.46 33.47
N THR B 223 1.14 -25.60 32.77
CA THR B 223 1.77 -26.82 33.25
C THR B 223 3.30 -26.82 33.08
N VAL B 224 3.81 -26.11 32.07
CA VAL B 224 5.25 -26.11 31.79
C VAL B 224 5.99 -24.93 32.42
N GLN B 225 7.11 -25.25 33.05
CA GLN B 225 8.02 -24.24 33.58
C GLN B 225 9.00 -23.85 32.47
N LEU B 226 8.72 -22.71 31.85
CA LEU B 226 9.50 -22.21 30.72
C LEU B 226 10.94 -21.86 31.09
N GLU B 227 11.13 -21.48 32.35
CA GLU B 227 12.43 -21.04 32.86
C GLU B 227 13.41 -22.21 33.03
N GLU B 228 12.90 -23.43 32.93
CA GLU B 228 13.69 -24.65 33.11
C GLU B 228 14.07 -25.33 31.79
N ILE B 229 13.46 -24.89 30.68
CA ILE B 229 13.80 -25.42 29.35
C ILE B 229 15.27 -25.12 29.05
N SER B 230 16.01 -26.14 28.66
CA SER B 230 17.43 -25.99 28.32
C SER B 230 17.67 -26.21 26.84
N ASN B 231 18.65 -25.50 26.29
CA ASN B 231 18.96 -25.59 24.86
C ASN B 231 19.83 -26.78 24.49
N HIS B 232 20.29 -26.83 23.23
CA HIS B 232 21.11 -27.92 22.71
C HIS B 232 22.39 -28.11 23.50
N GLN B 233 22.82 -27.07 24.20
CA GLN B 233 24.04 -27.10 24.99
C GLN B 233 23.75 -27.42 26.46
N GLY B 234 22.48 -27.65 26.78
CA GLY B 234 22.04 -28.01 28.12
C GLY B 234 21.97 -26.85 29.10
N LEU B 235 21.59 -25.68 28.60
CA LEU B 235 21.57 -24.48 29.43
C LEU B 235 20.19 -23.86 29.56
N THR B 236 19.76 -23.64 30.80
CA THR B 236 18.55 -22.87 31.08
C THR B 236 18.84 -21.39 30.83
N PRO B 237 17.80 -20.59 30.53
CA PRO B 237 18.00 -19.15 30.36
C PRO B 237 18.81 -18.52 31.50
N LEU B 238 18.74 -19.13 32.69
CA LEU B 238 19.54 -18.71 33.83
C LEU B 238 21.02 -19.00 33.59
N LYS B 239 21.32 -20.25 33.24
CA LYS B 239 22.70 -20.69 33.04
C LYS B 239 23.36 -20.04 31.81
N LEU B 240 22.56 -19.80 30.78
CA LEU B 240 23.02 -19.12 29.57
C LEU B 240 23.41 -17.67 29.86
N ALA B 241 22.66 -17.04 30.76
CA ALA B 241 22.93 -15.66 31.16
C ALA B 241 24.30 -15.50 31.83
N ALA B 242 24.72 -16.52 32.58
CA ALA B 242 26.04 -16.52 33.23
C ALA B 242 27.14 -16.84 32.22
N LYS B 243 26.84 -17.75 31.30
CA LYS B 243 27.75 -18.13 30.21
C LYS B 243 28.08 -16.94 29.30
N GLU B 244 27.08 -16.12 29.02
CA GLU B 244 27.20 -14.99 28.09
C GLU B 244 27.56 -13.68 28.80
N GLY B 245 27.89 -13.77 30.08
CA GLY B 245 28.32 -12.61 30.88
C GLY B 245 27.29 -11.50 30.96
N LYS B 246 26.01 -11.87 31.05
CA LYS B 246 24.92 -10.89 31.10
C LYS B 246 24.46 -10.68 32.55
N ILE B 247 25.15 -9.78 33.25
CA ILE B 247 24.93 -9.53 34.68
C ILE B 247 23.49 -9.21 35.07
N GLU B 248 22.91 -8.19 34.43
CA GLU B 248 21.60 -7.68 34.83
C GLU B 248 20.46 -8.69 34.70
N ILE B 249 20.39 -9.35 33.55
CA ILE B 249 19.33 -10.35 33.31
C ILE B 249 19.50 -11.57 34.21
N PHE B 250 20.74 -12.00 34.42
CA PHE B 250 21.08 -13.06 35.37
C PHE B 250 20.66 -12.67 36.80
N ARG B 251 20.98 -11.43 37.18
CA ARG B 251 20.60 -10.85 38.46
C ARG B 251 19.09 -10.94 38.68
N HIS B 252 18.33 -10.73 37.60
CA HIS B 252 16.88 -10.72 37.67
C HIS B 252 16.28 -12.12 37.73
N ILE B 253 16.78 -13.04 36.92
CA ILE B 253 16.29 -14.42 36.87
C ILE B 253 16.59 -15.18 38.16
N LEU B 254 17.74 -14.88 38.76
CA LEU B 254 18.12 -15.46 40.04
C LEU B 254 17.21 -14.92 41.16
N GLN B 255 16.97 -13.62 41.15
CA GLN B 255 16.11 -12.95 42.13
C GLN B 255 14.67 -13.43 42.04
N ARG B 256 14.18 -13.63 40.82
CA ARG B 256 12.82 -14.11 40.56
C ARG B 256 12.64 -15.55 41.07
N GLU B 257 13.75 -16.24 41.27
CA GLU B 257 13.75 -17.59 41.81
C GLU B 257 13.64 -17.56 43.34
N PHE B 258 13.98 -16.41 43.92
CA PHE B 258 13.92 -16.23 45.37
C PHE B 258 13.00 -15.07 45.76
#